data_9EZ2
#
_entry.id   9EZ2
#
_cell.length_a   66.140
_cell.length_b   66.140
_cell.length_c   263.740
_cell.angle_alpha   90.000
_cell.angle_beta   90.000
_cell.angle_gamma   120.000
#
_symmetry.space_group_name_H-M   'P 65 2 2'
#
loop_
_entity.id
_entity.type
_entity.pdbx_description
1 polymer 'Vitamin D3 receptor A'
2 polymer 'Nuclear receptor coactivator 2'
3 non-polymer '1,4b,25-trihydroxyvitamin D3'
4 non-polymer 'ACETATE ION'
5 water water
#
loop_
_entity_poly.entity_id
_entity_poly.type
_entity_poly.pdbx_seq_one_letter_code
_entity_poly.pdbx_strand_id
1 'polypeptide(L)'
;GSHMLSDEQMQIINSLVEAHHKTYDDSYSDFVRFRPPVREGPVTRSASRAASLHSLSDASSDSFNHSPESVDTKLNFSNL
LMMYQDSGSPDSSEEDQQSRLSMLPHLADLVSYSIQKVIGFAKMIPGFRDLTAEDQIALLKSSAIEIIMLRSNQSFSLED
MSWSCGGPDFKYCINDVTKAGHTLELLEPLVKFQVGLKKLKLHEEEHVLLMAICLLSPDRPGVQDHVRIEALQDRLCDVL
QAYIRIQHPGGRLLYAKMIQKLADLRSLNEEHSKQYRSLSFQPEHSMQLTPLVLEVFGSEVS
;
A
2 'polypeptide(L)' KHKILHRLLQDSS B
#
loop_
_chem_comp.id
_chem_comp.type
_chem_comp.name
_chem_comp.formula
A1H72 non-polymer '1,4b,25-trihydroxyvitamin D3' 'C27 H44 O4'
ACT non-polymer 'ACETATE ION' 'C2 H3 O2 -1'
#
# COMPACT_ATOMS: atom_id res chain seq x y z
N HIS A 3 24.82 8.60 -16.20
CA HIS A 3 25.62 7.40 -15.96
C HIS A 3 25.89 7.15 -14.49
N MET A 4 25.33 8.00 -13.64
CA MET A 4 25.66 8.01 -12.22
C MET A 4 24.59 8.82 -11.49
N LEU A 5 24.26 8.38 -10.27
CA LEU A 5 23.24 9.04 -9.47
C LEU A 5 23.81 10.25 -8.73
N SER A 6 22.99 11.29 -8.59
CA SER A 6 23.43 12.50 -7.90
C SER A 6 23.23 12.37 -6.40
N ASP A 7 23.82 13.31 -5.66
CA ASP A 7 23.66 13.32 -4.21
C ASP A 7 22.21 13.52 -3.81
N GLU A 8 21.49 14.39 -4.52
CA GLU A 8 20.09 14.59 -4.18
C GLU A 8 19.26 13.35 -4.46
N GLN A 9 19.55 12.65 -5.57
CA GLN A 9 18.84 11.42 -5.86
C GLN A 9 19.13 10.36 -4.81
N MET A 10 20.39 10.25 -4.38
CA MET A 10 20.75 9.27 -3.37
C MET A 10 20.12 9.63 -2.02
N GLN A 11 20.08 10.92 -1.69
CA GLN A 11 19.45 11.36 -0.45
C GLN A 11 17.97 10.96 -0.40
N ILE A 12 17.29 11.03 -1.56
CA ILE A 12 15.89 10.61 -1.62
C ILE A 12 15.77 9.12 -1.32
N ILE A 13 16.61 8.31 -1.97
CA ILE A 13 16.61 6.87 -1.74
C ILE A 13 16.86 6.55 -0.26
N ASN A 14 17.89 7.18 0.33
CA ASN A 14 18.18 6.92 1.74
C ASN A 14 16.98 7.24 2.63
N SER A 15 16.34 8.39 2.39
N SER A 15 16.35 8.40 2.41
CA SER A 15 15.20 8.77 3.23
CA SER A 15 15.19 8.76 3.23
C SER A 15 14.03 7.81 3.06
C SER A 15 14.07 7.75 3.07
N LEU A 16 13.82 7.30 1.84
CA LEU A 16 12.70 6.38 1.63
C LEU A 16 12.99 4.99 2.20
N VAL A 17 14.24 4.53 2.09
CA VAL A 17 14.58 3.23 2.68
C VAL A 17 14.43 3.30 4.19
N GLU A 18 14.96 4.35 4.80
CA GLU A 18 14.84 4.51 6.25
C GLU A 18 13.38 4.56 6.68
N ALA A 19 12.56 5.31 5.95
CA ALA A 19 11.14 5.40 6.29
C ALA A 19 10.46 4.04 6.21
N HIS A 20 10.80 3.24 5.21
CA HIS A 20 10.23 1.90 5.11
C HIS A 20 10.72 1.00 6.24
N HIS A 21 12.01 1.03 6.54
CA HIS A 21 12.50 0.18 7.62
C HIS A 21 11.88 0.57 8.96
N LYS A 22 11.56 1.85 9.14
CA LYS A 22 10.95 2.31 10.38
C LYS A 22 9.49 1.91 10.49
N THR A 23 8.81 1.64 9.38
CA THR A 23 7.38 1.39 9.38
C THR A 23 7.01 -0.03 8.95
N TYR A 24 7.97 -0.90 8.68
CA TYR A 24 7.70 -2.29 8.31
C TYR A 24 8.54 -3.17 9.22
N ASP A 25 7.88 -3.88 10.13
CA ASP A 25 8.54 -4.70 11.14
C ASP A 25 8.51 -6.16 10.67
N ASP A 26 9.65 -6.65 10.20
CA ASP A 26 9.79 -8.01 9.69
C ASP A 26 9.53 -9.09 10.74
N SER A 27 9.50 -8.75 12.03
CA SER A 27 9.21 -9.77 13.03
C SER A 27 7.72 -10.08 13.16
N TYR A 28 6.86 -9.19 12.66
CA TYR A 28 5.39 -9.37 12.71
C TYR A 28 4.89 -9.65 14.11
N SER A 29 5.65 -9.24 15.12
CA SER A 29 5.28 -9.57 16.49
C SER A 29 4.03 -8.81 16.94
N ASP A 30 3.77 -7.63 16.38
CA ASP A 30 2.55 -6.91 16.72
C ASP A 30 1.28 -7.66 16.32
N PHE A 31 1.37 -8.63 15.39
CA PHE A 31 0.17 -9.29 14.89
C PHE A 31 -0.57 -10.07 15.99
N VAL A 32 0.10 -10.45 17.07
CA VAL A 32 -0.61 -11.14 18.14
C VAL A 32 -1.63 -10.25 18.83
N ARG A 33 -1.60 -8.95 18.58
CA ARG A 33 -2.53 -8.02 19.19
C ARG A 33 -3.84 -7.89 18.42
N PHE A 34 -3.90 -8.39 17.20
CA PHE A 34 -5.12 -8.33 16.41
C PHE A 34 -6.13 -9.35 16.96
N ARG A 35 -7.42 -9.08 16.71
CA ARG A 35 -8.40 -10.14 16.92
C ARG A 35 -7.94 -11.39 16.17
N PRO A 36 -8.05 -12.58 16.78
CA PRO A 36 -7.38 -13.75 16.19
C PRO A 36 -8.03 -14.17 14.89
N PRO A 37 -7.28 -14.85 14.01
CA PRO A 37 -7.88 -15.40 12.78
C PRO A 37 -8.77 -16.58 13.11
N VAL A 38 -9.81 -16.77 12.28
CA VAL A 38 -10.77 -17.85 12.46
C VAL A 38 -11.09 -18.45 11.10
N ARG A 39 -10.86 -19.76 10.95
CA ARG A 39 -11.11 -20.44 9.68
C ARG A 39 -11.92 -21.71 9.89
N ARG A 100 -20.25 -16.37 7.29
CA ARG A 100 -20.25 -15.64 8.55
C ARG A 100 -19.10 -14.64 8.62
N LEU A 101 -18.21 -14.71 7.63
CA LEU A 101 -17.05 -13.82 7.51
C LEU A 101 -16.13 -13.93 8.74
N SER A 102 -15.72 -15.16 9.01
CA SER A 102 -14.93 -15.47 10.19
C SER A 102 -13.56 -14.81 10.19
N MET A 103 -13.02 -14.46 9.02
CA MET A 103 -11.72 -13.80 8.96
C MET A 103 -11.82 -12.27 8.93
N LEU A 104 -13.01 -11.70 8.84
CA LEU A 104 -13.10 -10.25 8.76
C LEU A 104 -12.53 -9.53 9.98
N PRO A 105 -12.76 -9.96 11.23
CA PRO A 105 -12.13 -9.25 12.35
C PRO A 105 -10.61 -9.20 12.25
N HIS A 106 -9.96 -10.34 11.98
CA HIS A 106 -8.50 -10.34 11.93
C HIS A 106 -7.98 -9.51 10.76
N LEU A 107 -8.60 -9.62 9.59
CA LEU A 107 -8.10 -8.88 8.43
C LEU A 107 -8.39 -7.38 8.55
N ALA A 108 -9.52 -7.02 9.18
CA ALA A 108 -9.78 -5.62 9.49
C ALA A 108 -8.66 -5.05 10.36
N ASP A 109 -8.29 -5.78 11.42
CA ASP A 109 -7.23 -5.31 12.30
C ASP A 109 -5.89 -5.22 11.58
N LEU A 110 -5.57 -6.22 10.76
CA LEU A 110 -4.34 -6.19 9.98
C LEU A 110 -4.30 -4.97 9.07
N VAL A 111 -5.38 -4.70 8.34
CA VAL A 111 -5.41 -3.57 7.42
C VAL A 111 -5.36 -2.24 8.19
N SER A 112 -6.09 -2.14 9.30
CA SER A 112 -6.05 -0.93 10.12
C SER A 112 -4.63 -0.64 10.63
N TYR A 113 -3.96 -1.67 11.17
CA TYR A 113 -2.56 -1.56 11.55
C TYR A 113 -1.70 -1.08 10.37
N SER A 114 -1.94 -1.66 9.20
CA SER A 114 -1.13 -1.34 8.02
C SER A 114 -1.38 0.08 7.54
N ILE A 115 -2.61 0.57 7.66
CA ILE A 115 -2.89 1.97 7.33
C ILE A 115 -2.04 2.90 8.18
N GLN A 116 -1.95 2.63 9.49
CA GLN A 116 -1.13 3.47 10.36
C GLN A 116 0.33 3.46 9.90
N LYS A 117 0.82 2.30 9.46
CA LYS A 117 2.19 2.24 8.97
C LYS A 117 2.35 3.02 7.67
N VAL A 118 1.35 2.96 6.78
CA VAL A 118 1.45 3.69 5.52
C VAL A 118 1.45 5.19 5.77
N ILE A 119 0.64 5.64 6.73
CA ILE A 119 0.65 7.05 7.13
C ILE A 119 2.03 7.44 7.65
N GLY A 120 2.62 6.59 8.49
CA GLY A 120 3.97 6.86 8.98
C GLY A 120 5.00 6.90 7.87
N PHE A 121 4.86 6.01 6.88
CA PHE A 121 5.76 6.02 5.73
C PHE A 121 5.57 7.29 4.91
N ALA A 122 4.31 7.65 4.63
CA ALA A 122 4.01 8.84 3.85
C ALA A 122 4.59 10.10 4.48
N LYS A 123 4.50 10.22 5.81
CA LYS A 123 4.98 11.43 6.49
C LYS A 123 6.49 11.62 6.33
N MET A 124 7.22 10.57 5.94
CA MET A 124 8.66 10.67 5.73
C MET A 124 9.06 10.72 4.26
N ILE A 125 8.09 10.73 3.35
CA ILE A 125 8.42 10.98 1.95
C ILE A 125 8.76 12.45 1.78
N PRO A 126 9.93 12.79 1.20
CA PRO A 126 10.25 14.21 0.97
C PRO A 126 9.13 14.98 0.30
N GLY A 127 8.60 15.99 0.97
CA GLY A 127 7.63 16.89 0.41
C GLY A 127 6.18 16.59 0.75
N PHE A 128 5.88 15.33 1.09
CA PHE A 128 4.52 14.99 1.49
C PHE A 128 4.08 15.85 2.66
N ARG A 129 4.94 15.97 3.68
CA ARG A 129 4.59 16.68 4.91
C ARG A 129 4.23 18.13 4.63
N ASP A 130 4.75 18.70 3.54
CA ASP A 130 4.53 20.10 3.22
C ASP A 130 3.29 20.32 2.37
N LEU A 131 2.62 19.27 1.92
CA LEU A 131 1.33 19.44 1.25
C LEU A 131 0.28 19.90 2.25
N THR A 132 -0.83 20.43 1.73
CA THR A 132 -1.95 20.77 2.60
C THR A 132 -2.50 19.52 3.26
N ALA A 133 -3.17 19.72 4.40
CA ALA A 133 -3.77 18.59 5.09
C ALA A 133 -4.80 17.89 4.21
N GLU A 134 -5.57 18.66 3.46
CA GLU A 134 -6.60 18.07 2.61
C GLU A 134 -5.98 17.18 1.53
N ASP A 135 -4.89 17.64 0.91
CA ASP A 135 -4.21 16.83 -0.10
C ASP A 135 -3.57 15.59 0.53
N GLN A 136 -2.97 15.73 1.72
CA GLN A 136 -2.40 14.56 2.36
C GLN A 136 -3.48 13.51 2.62
N ILE A 137 -4.66 13.94 3.06
CA ILE A 137 -5.76 13.00 3.27
C ILE A 137 -6.25 12.47 1.94
N ALA A 138 -6.39 13.33 0.93
CA ALA A 138 -6.87 12.87 -0.37
C ALA A 138 -5.95 11.78 -0.94
N LEU A 139 -4.64 12.00 -0.88
CA LEU A 139 -3.70 11.00 -1.41
C LEU A 139 -3.79 9.70 -0.61
N LEU A 140 -3.87 9.79 0.72
CA LEU A 140 -3.91 8.57 1.52
C LEU A 140 -5.22 7.81 1.34
N LYS A 141 -6.35 8.52 1.26
CA LYS A 141 -7.61 7.80 1.12
C LYS A 141 -7.70 7.07 -0.23
N SER A 142 -7.14 7.66 -1.29
CA SER A 142 -7.21 7.00 -2.58
C SER A 142 -6.15 5.90 -2.72
N SER A 143 -4.97 6.07 -2.11
CA SER A 143 -3.86 5.18 -2.38
C SER A 143 -3.61 4.15 -1.28
N ALA A 144 -4.24 4.28 -0.10
CA ALA A 144 -3.89 3.41 1.02
C ALA A 144 -3.99 1.94 0.62
N ILE A 145 -5.10 1.54 0.00
CA ILE A 145 -5.27 0.12 -0.33
C ILE A 145 -4.18 -0.34 -1.29
N GLU A 146 -3.73 0.54 -2.20
CA GLU A 146 -2.69 0.17 -3.18
C GLU A 146 -1.34 -0.01 -2.49
N ILE A 147 -0.98 0.88 -1.57
N ILE A 147 -0.98 0.90 -1.57
CA ILE A 147 0.29 0.75 -0.87
CA ILE A 147 0.28 0.78 -0.85
C ILE A 147 0.30 -0.49 -0.01
C ILE A 147 0.28 -0.51 -0.02
N ILE A 148 -0.86 -0.85 0.57
CA ILE A 148 -0.95 -2.07 1.36
C ILE A 148 -0.73 -3.30 0.48
N MET A 149 -1.37 -3.32 -0.70
CA MET A 149 -1.14 -4.41 -1.65
C MET A 149 0.32 -4.47 -2.09
N LEU A 150 0.93 -3.30 -2.31
CA LEU A 150 2.33 -3.26 -2.71
C LEU A 150 3.22 -3.73 -1.56
N ARG A 151 3.02 -3.18 -0.36
CA ARG A 151 3.93 -3.51 0.72
C ARG A 151 3.78 -4.95 1.19
N SER A 152 2.61 -5.56 0.95
CA SER A 152 2.39 -6.94 1.35
C SER A 152 3.21 -7.92 0.53
N ASN A 153 3.74 -7.48 -0.62
CA ASN A 153 4.57 -8.37 -1.43
C ASN A 153 5.80 -8.86 -0.66
N GLN A 154 6.26 -8.07 0.32
CA GLN A 154 7.41 -8.44 1.13
C GLN A 154 7.15 -9.69 1.98
N SER A 155 5.89 -10.04 2.22
CA SER A 155 5.52 -11.27 2.92
C SER A 155 5.02 -12.37 1.98
N PHE A 156 4.93 -12.09 0.68
CA PHE A 156 4.36 -13.06 -0.25
C PHE A 156 5.39 -14.09 -0.66
N SER A 157 4.95 -15.34 -0.78
CA SER A 157 5.81 -16.46 -1.14
C SER A 157 5.32 -17.06 -2.45
N LEU A 158 6.23 -17.19 -3.42
CA LEU A 158 5.87 -17.87 -4.66
C LEU A 158 5.62 -19.35 -4.42
N GLU A 159 6.30 -19.93 -3.42
CA GLU A 159 6.14 -21.36 -3.14
C GLU A 159 4.76 -21.65 -2.58
N ASP A 160 4.34 -20.92 -1.55
CA ASP A 160 3.06 -21.15 -0.90
C ASP A 160 1.89 -20.44 -1.58
N MET A 161 2.17 -19.53 -2.53
CA MET A 161 1.13 -18.75 -3.20
C MET A 161 0.29 -17.97 -2.19
N SER A 162 0.95 -17.50 -1.13
CA SER A 162 0.25 -16.93 0.00
C SER A 162 1.16 -15.91 0.67
N TRP A 163 0.56 -15.12 1.56
CA TRP A 163 1.26 -14.14 2.37
C TRP A 163 1.62 -14.79 3.70
N SER A 164 2.91 -14.84 4.02
CA SER A 164 3.41 -15.56 5.19
C SER A 164 4.05 -14.57 6.15
N CYS A 165 3.52 -14.50 7.38
CA CYS A 165 4.01 -13.52 8.34
C CYS A 165 4.57 -14.17 9.61
N GLY A 166 5.59 -15.01 9.47
CA GLY A 166 6.29 -15.52 10.63
C GLY A 166 5.47 -16.39 11.56
N GLY A 167 4.41 -17.01 11.05
CA GLY A 167 3.57 -17.86 11.86
C GLY A 167 2.46 -18.49 11.06
N PRO A 168 2.13 -19.75 11.36
CA PRO A 168 1.04 -20.43 10.63
C PRO A 168 -0.32 -19.78 10.84
N ASP A 169 -0.60 -19.21 12.00
CA ASP A 169 -1.86 -18.48 12.17
C ASP A 169 -1.86 -17.19 11.36
N PHE A 170 -0.68 -16.59 11.15
CA PHE A 170 -0.55 -15.38 10.34
C PHE A 170 -0.07 -15.68 8.92
N LYS A 171 -0.42 -16.85 8.40
CA LYS A 171 -0.29 -17.17 6.98
C LYS A 171 -1.65 -16.97 6.33
N TYR A 172 -1.71 -16.13 5.30
CA TYR A 172 -2.98 -15.78 4.66
C TYR A 172 -3.00 -16.32 3.23
N CYS A 173 -3.95 -17.21 2.97
N CYS A 173 -3.94 -17.21 2.95
CA CYS A 173 -4.20 -17.74 1.63
CA CYS A 173 -4.16 -17.69 1.60
C CYS A 173 -5.38 -17.01 1.00
C CYS A 173 -5.44 -17.08 1.04
N ILE A 174 -5.72 -17.41 -0.22
CA ILE A 174 -6.85 -16.80 -0.92
C ILE A 174 -8.15 -17.12 -0.20
N ASN A 175 -8.29 -18.37 0.28
CA ASN A 175 -9.55 -18.75 0.91
C ASN A 175 -9.77 -17.98 2.21
N ASP A 176 -8.71 -17.56 2.88
CA ASP A 176 -8.86 -16.72 4.07
C ASP A 176 -9.56 -15.42 3.72
N VAL A 177 -9.20 -14.81 2.60
CA VAL A 177 -9.75 -13.51 2.25
C VAL A 177 -11.19 -13.64 1.76
N THR A 178 -11.56 -14.79 1.21
CA THR A 178 -12.98 -15.01 0.91
C THR A 178 -13.80 -15.03 2.19
N LYS A 179 -13.20 -15.47 3.30
CA LYS A 179 -13.89 -15.46 4.58
C LYS A 179 -13.85 -14.10 5.26
N ALA A 180 -13.48 -13.04 4.53
CA ALA A 180 -13.63 -11.66 4.98
C ALA A 180 -14.53 -10.86 4.06
N GLY A 181 -15.30 -11.52 3.19
CA GLY A 181 -16.25 -10.84 2.34
C GLY A 181 -15.80 -10.50 0.93
N HIS A 182 -14.68 -11.06 0.46
CA HIS A 182 -14.22 -10.75 -0.87
C HIS A 182 -14.34 -11.96 -1.79
N THR A 183 -14.33 -11.70 -3.09
CA THR A 183 -14.58 -12.72 -4.09
C THR A 183 -13.36 -12.92 -4.97
N LEU A 184 -13.37 -14.00 -5.74
CA LEU A 184 -12.29 -14.29 -6.66
C LEU A 184 -12.10 -13.20 -7.70
N GLU A 185 -13.15 -12.40 -7.96
CA GLU A 185 -13.03 -11.30 -8.90
C GLU A 185 -12.01 -10.27 -8.43
N LEU A 186 -11.79 -10.19 -7.11
CA LEU A 186 -10.68 -9.41 -6.56
C LEU A 186 -9.44 -10.26 -6.29
N LEU A 187 -9.62 -11.46 -5.76
CA LEU A 187 -8.48 -12.21 -5.22
C LEU A 187 -7.64 -12.85 -6.31
N GLU A 188 -8.26 -13.25 -7.42
CA GLU A 188 -7.48 -13.80 -8.54
C GLU A 188 -6.54 -12.75 -9.14
N PRO A 189 -6.99 -11.56 -9.54
CA PRO A 189 -6.01 -10.54 -9.97
C PRO A 189 -5.04 -10.13 -8.88
N LEU A 190 -5.47 -10.13 -7.61
CA LEU A 190 -4.55 -9.74 -6.55
C LEU A 190 -3.38 -10.71 -6.45
N VAL A 191 -3.66 -12.02 -6.49
CA VAL A 191 -2.60 -13.01 -6.40
C VAL A 191 -1.70 -12.97 -7.63
N LYS A 192 -2.30 -12.83 -8.82
CA LYS A 192 -1.50 -12.70 -10.04
C LYS A 192 -0.62 -11.45 -9.98
N PHE A 193 -1.13 -10.37 -9.40
CA PHE A 193 -0.31 -9.18 -9.17
C PHE A 193 0.87 -9.48 -8.24
N GLN A 194 0.62 -10.13 -7.10
CA GLN A 194 1.72 -10.44 -6.20
C GLN A 194 2.78 -11.32 -6.89
N VAL A 195 2.36 -12.33 -7.64
CA VAL A 195 3.35 -13.22 -8.25
C VAL A 195 4.16 -12.47 -9.32
N GLY A 196 3.50 -11.65 -10.13
CA GLY A 196 4.24 -10.91 -11.14
C GLY A 196 5.19 -9.91 -10.51
N LEU A 197 4.74 -9.25 -9.44
CA LEU A 197 5.60 -8.29 -8.75
C LEU A 197 6.78 -8.97 -8.08
N LYS A 198 6.54 -10.14 -7.46
CA LYS A 198 7.63 -10.89 -6.84
C LYS A 198 8.65 -11.33 -7.89
N LYS A 199 8.16 -11.71 -9.08
CA LYS A 199 9.06 -12.18 -10.14
C LYS A 199 9.99 -11.07 -10.64
N LEU A 200 9.65 -9.80 -10.40
CA LEU A 200 10.52 -8.71 -10.81
C LEU A 200 11.78 -8.62 -9.95
N LYS A 201 11.77 -9.23 -8.76
CA LYS A 201 12.94 -9.27 -7.87
C LYS A 201 13.47 -7.86 -7.61
N LEU A 202 12.56 -6.96 -7.22
CA LEU A 202 12.94 -5.56 -7.04
C LEU A 202 13.94 -5.40 -5.91
N HIS A 203 14.93 -4.54 -6.12
CA HIS A 203 15.74 -4.09 -4.99
C HIS A 203 14.85 -3.31 -4.02
N GLU A 204 15.20 -3.35 -2.73
CA GLU A 204 14.40 -2.59 -1.75
C GLU A 204 14.34 -1.12 -2.13
N GLU A 205 15.42 -0.59 -2.71
CA GLU A 205 15.40 0.77 -3.24
C GLU A 205 14.24 0.97 -4.22
N GLU A 206 14.06 0.01 -5.14
CA GLU A 206 13.02 0.13 -6.16
C GLU A 206 11.64 -0.06 -5.56
N HIS A 207 11.52 -0.97 -4.61
CA HIS A 207 10.26 -1.21 -3.90
C HIS A 207 9.78 0.04 -3.18
N VAL A 208 10.68 0.70 -2.44
CA VAL A 208 10.22 1.88 -1.69
C VAL A 208 9.95 3.04 -2.64
N LEU A 209 10.72 3.17 -3.73
CA LEU A 209 10.43 4.20 -4.70
C LEU A 209 9.05 4.00 -5.32
N LEU A 210 8.70 2.75 -5.62
CA LEU A 210 7.39 2.48 -6.23
C LEU A 210 6.25 2.82 -5.27
N MET A 211 6.40 2.47 -3.99
CA MET A 211 5.36 2.87 -3.03
C MET A 211 5.22 4.38 -2.97
N ALA A 212 6.35 5.09 -2.94
CA ALA A 212 6.30 6.55 -2.89
C ALA A 212 5.68 7.14 -4.16
N ILE A 213 6.03 6.59 -5.33
CA ILE A 213 5.46 7.08 -6.59
C ILE A 213 3.96 6.83 -6.60
N CYS A 214 3.54 5.66 -6.15
CA CYS A 214 2.11 5.34 -6.10
C CYS A 214 1.39 6.32 -5.19
N LEU A 215 1.95 6.60 -4.01
CA LEU A 215 1.34 7.52 -3.07
C LEU A 215 1.20 8.91 -3.67
N LEU A 216 2.28 9.45 -4.24
CA LEU A 216 2.29 10.81 -4.75
C LEU A 216 1.78 10.91 -6.18
N SER A 217 0.70 10.21 -6.51
CA SER A 217 0.05 10.32 -7.81
C SER A 217 -0.91 11.50 -7.80
N PRO A 218 -0.82 12.42 -8.77
CA PRO A 218 -1.78 13.53 -8.80
C PRO A 218 -3.13 13.17 -9.37
N ASP A 219 -3.24 12.08 -10.13
CA ASP A 219 -4.49 11.72 -10.78
C ASP A 219 -5.37 10.89 -9.85
N ARG A 220 -5.67 11.49 -8.71
CA ARG A 220 -6.48 10.85 -7.70
C ARG A 220 -7.62 11.79 -7.34
N PRO A 221 -8.80 11.27 -7.02
CA PRO A 221 -9.91 12.15 -6.67
C PRO A 221 -9.60 12.94 -5.41
N GLY A 222 -9.92 14.23 -5.45
CA GLY A 222 -9.87 15.08 -4.29
C GLY A 222 -8.64 15.96 -4.17
N VAL A 223 -7.58 15.65 -4.94
CA VAL A 223 -6.37 16.46 -4.84
C VAL A 223 -6.61 17.82 -5.50
N GLN A 224 -6.10 18.86 -4.87
CA GLN A 224 -6.20 20.22 -5.39
C GLN A 224 -4.92 20.69 -6.05
N ASP A 225 -3.77 20.44 -5.41
CA ASP A 225 -2.49 20.95 -5.90
C ASP A 225 -1.85 19.91 -6.82
N HIS A 226 -2.50 19.72 -7.98
CA HIS A 226 -1.99 18.75 -8.95
C HIS A 226 -0.54 19.05 -9.34
N VAL A 227 -0.21 20.33 -9.55
CA VAL A 227 1.10 20.70 -10.04
C VAL A 227 2.18 20.36 -9.01
N ARG A 228 1.91 20.60 -7.74
CA ARG A 228 2.90 20.30 -6.69
C ARG A 228 3.16 18.81 -6.60
N ILE A 229 2.09 18.02 -6.52
CA ILE A 229 2.24 16.58 -6.35
C ILE A 229 2.89 15.95 -7.58
N GLU A 230 2.53 16.42 -8.77
CA GLU A 230 3.14 15.88 -9.98
C GLU A 230 4.63 16.16 -10.00
N ALA A 231 5.04 17.34 -9.53
CA ALA A 231 6.47 17.67 -9.49
C ALA A 231 7.21 16.77 -8.50
N LEU A 232 6.60 16.46 -7.36
CA LEU A 232 7.20 15.49 -6.45
C LEU A 232 7.28 14.12 -7.09
N GLN A 233 6.19 13.68 -7.73
CA GLN A 233 6.19 12.36 -8.34
C GLN A 233 7.18 12.29 -9.49
N ASP A 234 7.29 13.38 -10.25
CA ASP A 234 8.27 13.46 -11.33
C ASP A 234 9.68 13.22 -10.82
N ARG A 235 10.06 13.86 -9.71
CA ARG A 235 11.43 13.71 -9.22
C ARG A 235 11.69 12.28 -8.77
N LEU A 236 10.69 11.64 -8.15
CA LEU A 236 10.80 10.24 -7.75
C LEU A 236 10.92 9.31 -8.96
N CYS A 237 10.17 9.59 -10.02
CA CYS A 237 10.30 8.77 -11.23
C CYS A 237 11.69 8.91 -11.84
N ASP A 238 12.26 10.12 -11.83
CA ASP A 238 13.61 10.32 -12.32
C ASP A 238 14.62 9.51 -11.52
N VAL A 239 14.49 9.51 -10.19
CA VAL A 239 15.36 8.71 -9.35
C VAL A 239 15.26 7.23 -9.72
N LEU A 240 14.04 6.71 -9.82
CA LEU A 240 13.85 5.30 -10.10
C LEU A 240 14.41 4.92 -11.46
N GLN A 241 14.18 5.74 -12.49
CA GLN A 241 14.74 5.42 -13.80
C GLN A 241 16.25 5.40 -13.74
N ALA A 242 16.86 6.38 -13.05
CA ALA A 242 18.32 6.42 -12.99
C ALA A 242 18.86 5.25 -12.19
N TYR A 243 18.20 4.94 -11.06
CA TYR A 243 18.66 3.83 -10.22
C TYR A 243 18.68 2.54 -11.02
N ILE A 244 17.59 2.24 -11.73
CA ILE A 244 17.54 1.01 -12.52
C ILE A 244 18.66 0.97 -13.56
N ARG A 245 18.91 2.11 -14.22
CA ARG A 245 19.89 2.14 -15.30
C ARG A 245 21.30 1.90 -14.77
N ILE A 246 21.64 2.53 -13.63
CA ILE A 246 23.01 2.46 -13.14
C ILE A 246 23.21 1.20 -12.32
N GLN A 247 22.26 0.89 -11.42
CA GLN A 247 22.44 -0.07 -10.34
C GLN A 247 21.73 -1.40 -10.52
N HIS A 248 20.87 -1.55 -11.53
CA HIS A 248 20.13 -2.80 -11.68
C HIS A 248 20.59 -3.53 -12.92
N PRO A 249 21.49 -4.50 -12.79
CA PRO A 249 21.99 -5.21 -13.97
C PRO A 249 20.86 -5.85 -14.76
N GLY A 250 20.85 -5.58 -16.07
CA GLY A 250 19.83 -6.12 -16.95
C GLY A 250 18.43 -5.59 -16.72
N GLY A 251 18.30 -4.34 -16.29
CA GLY A 251 16.97 -3.82 -15.98
C GLY A 251 16.38 -2.96 -17.09
N ARG A 252 16.76 -3.22 -18.34
CA ARG A 252 16.35 -2.36 -19.45
C ARG A 252 14.84 -2.22 -19.52
N LEU A 253 14.11 -3.30 -19.24
CA LEU A 253 12.67 -3.32 -19.37
C LEU A 253 11.97 -3.19 -18.03
N LEU A 254 12.72 -2.90 -16.97
CA LEU A 254 12.15 -2.98 -15.62
C LEU A 254 11.23 -1.79 -15.34
N TYR A 255 11.67 -0.57 -15.66
CA TYR A 255 10.86 0.60 -15.32
C TYR A 255 9.48 0.52 -15.95
N ALA A 256 9.42 0.16 -17.24
CA ALA A 256 8.13 -0.04 -17.91
C ALA A 256 7.28 -1.07 -17.17
N LYS A 257 7.89 -2.16 -16.70
CA LYS A 257 7.10 -3.17 -15.99
C LYS A 257 6.57 -2.61 -14.67
N MET A 258 7.37 -1.79 -13.99
CA MET A 258 6.94 -1.23 -12.72
C MET A 258 5.78 -0.25 -12.91
N ILE A 259 5.82 0.55 -13.98
CA ILE A 259 4.72 1.47 -14.25
C ILE A 259 3.47 0.69 -14.63
N GLN A 260 3.62 -0.45 -15.30
CA GLN A 260 2.49 -1.32 -15.55
C GLN A 260 1.85 -1.78 -14.25
N LYS A 261 2.66 -2.16 -13.25
CA LYS A 261 2.10 -2.58 -11.97
C LYS A 261 1.29 -1.47 -11.31
N LEU A 262 1.70 -0.21 -11.49
CA LEU A 262 0.89 0.89 -10.98
C LEU A 262 -0.47 0.92 -11.65
N ALA A 263 -0.54 0.57 -12.93
CA ALA A 263 -1.84 0.48 -13.61
C ALA A 263 -2.65 -0.68 -13.04
N ASP A 264 -2.00 -1.82 -12.81
CA ASP A 264 -2.70 -2.98 -12.23
C ASP A 264 -3.31 -2.63 -10.90
N LEU A 265 -2.58 -1.84 -10.08
CA LEU A 265 -3.06 -1.47 -8.77
C LEU A 265 -4.32 -0.62 -8.85
N ARG A 266 -4.38 0.31 -9.82
CA ARG A 266 -5.60 1.08 -10.04
C ARG A 266 -6.79 0.16 -10.24
N SER A 267 -6.61 -0.91 -11.02
CA SER A 267 -7.70 -1.84 -11.28
C SER A 267 -8.07 -2.63 -10.03
N LEU A 268 -7.07 -3.05 -9.24
CA LEU A 268 -7.37 -3.71 -7.97
C LEU A 268 -8.06 -2.76 -7.01
N ASN A 269 -7.67 -1.49 -7.02
CA ASN A 269 -8.27 -0.48 -6.14
C ASN A 269 -9.77 -0.37 -6.42
N GLU A 270 -10.14 -0.24 -7.70
CA GLU A 270 -11.54 -0.15 -8.10
C GLU A 270 -12.32 -1.38 -7.64
N GLU A 271 -11.80 -2.57 -7.90
CA GLU A 271 -12.50 -3.79 -7.52
C GLU A 271 -12.61 -3.91 -6.01
N HIS A 272 -11.55 -3.53 -5.27
CA HIS A 272 -11.68 -3.58 -3.82
C HIS A 272 -12.73 -2.59 -3.32
N SER A 273 -12.76 -1.38 -3.91
N SER A 273 -12.76 -1.38 -3.91
CA SER A 273 -13.71 -0.37 -3.47
CA SER A 273 -13.73 -0.38 -3.45
C SER A 273 -15.16 -0.82 -3.69
C SER A 273 -15.16 -0.87 -3.67
N LYS A 274 -15.40 -1.51 -4.81
CA LYS A 274 -16.72 -2.06 -5.10
C LYS A 274 -17.12 -3.10 -4.06
N GLN A 275 -16.22 -4.04 -3.76
CA GLN A 275 -16.55 -5.08 -2.79
C GLN A 275 -16.61 -4.54 -1.36
N TYR A 276 -15.82 -3.51 -1.05
CA TYR A 276 -15.87 -2.93 0.28
C TYR A 276 -17.19 -2.21 0.53
N ARG A 277 -17.80 -1.63 -0.52
CA ARG A 277 -19.12 -1.01 -0.38
C ARG A 277 -20.14 -2.00 0.16
N SER A 278 -20.07 -3.27 -0.27
CA SER A 278 -21.00 -4.28 0.25
C SER A 278 -20.82 -4.49 1.75
N LEU A 279 -19.58 -4.59 2.21
CA LEU A 279 -19.33 -4.70 3.65
C LEU A 279 -19.87 -3.49 4.37
N SER A 280 -19.52 -2.30 3.89
CA SER A 280 -19.85 -1.09 4.63
C SER A 280 -21.33 -0.78 4.58
N PHE A 281 -22.06 -1.34 3.62
CA PHE A 281 -23.53 -1.20 3.57
C PHE A 281 -24.26 -2.21 4.43
N GLN A 282 -23.58 -3.19 5.00
CA GLN A 282 -24.24 -4.16 5.86
C GLN A 282 -23.75 -3.95 7.28
N PRO A 283 -24.57 -3.42 8.19
CA PRO A 283 -24.04 -3.06 9.51
C PRO A 283 -23.51 -4.24 10.31
N GLU A 284 -24.04 -5.46 10.12
CA GLU A 284 -23.44 -6.57 10.85
C GLU A 284 -22.01 -6.85 10.42
N HIS A 285 -21.61 -6.41 9.22
CA HIS A 285 -20.22 -6.53 8.81
C HIS A 285 -19.43 -5.26 9.09
N SER A 286 -19.99 -4.09 8.78
CA SER A 286 -19.23 -2.86 9.01
C SER A 286 -18.91 -2.67 10.49
N MET A 287 -19.73 -3.24 11.40
CA MET A 287 -19.43 -3.13 12.83
C MET A 287 -18.19 -3.90 13.22
N GLN A 288 -17.73 -4.82 12.37
CA GLN A 288 -16.48 -5.53 12.62
C GLN A 288 -15.25 -4.75 12.17
N LEU A 289 -15.43 -3.65 11.45
CA LEU A 289 -14.28 -2.91 10.98
C LEU A 289 -13.72 -2.05 12.12
N THR A 290 -12.61 -1.36 11.85
CA THR A 290 -12.09 -0.42 12.84
C THR A 290 -12.48 0.99 12.46
N PRO A 291 -12.51 1.92 13.43
CA PRO A 291 -12.76 3.33 13.10
C PRO A 291 -11.81 3.87 12.04
N LEU A 292 -10.51 3.55 12.12
CA LEU A 292 -9.57 4.02 11.11
C LEU A 292 -9.90 3.49 9.72
N VAL A 293 -10.23 2.20 9.62
CA VAL A 293 -10.61 1.64 8.32
C VAL A 293 -11.85 2.34 7.79
N LEU A 294 -12.87 2.50 8.65
CA LEU A 294 -14.08 3.22 8.26
C LEU A 294 -13.75 4.60 7.71
N GLU A 295 -12.81 5.30 8.35
CA GLU A 295 -12.48 6.65 7.93
C GLU A 295 -11.74 6.64 6.60
N VAL A 296 -10.70 5.83 6.47
CA VAL A 296 -9.82 5.90 5.31
C VAL A 296 -10.51 5.34 4.07
N PHE A 297 -11.26 4.25 4.22
CA PHE A 297 -11.93 3.66 3.07
C PHE A 297 -13.33 4.23 2.86
N GLY A 298 -13.79 5.14 3.73
CA GLY A 298 -15.09 5.75 3.61
C GLY A 298 -15.15 6.80 2.53
N SER A 299 -16.33 7.36 2.35
CA SER A 299 -16.59 8.26 1.22
C SER A 299 -16.67 9.73 1.60
N GLU A 300 -16.48 10.06 2.89
CA GLU A 300 -16.41 11.46 3.33
C GLU A 300 -15.40 12.24 2.51
N VAL A 301 -15.75 13.49 2.21
CA VAL A 301 -14.89 14.40 1.47
C VAL A 301 -14.60 15.61 2.34
N SER A 302 -13.32 15.95 2.47
CA SER A 302 -12.91 17.18 3.15
C SER A 302 -13.04 18.37 2.22
N LYS B 1 -14.77 15.69 10.57
CA LYS B 1 -14.50 14.47 9.80
C LYS B 1 -13.01 14.23 9.68
N HIS B 2 -12.65 12.99 9.37
CA HIS B 2 -11.25 12.56 9.28
C HIS B 2 -10.49 12.87 10.57
N LYS B 3 -11.19 12.72 11.69
CA LYS B 3 -10.65 13.00 13.02
C LYS B 3 -9.35 12.22 13.26
N ILE B 4 -9.37 10.92 12.97
CA ILE B 4 -8.20 10.08 13.26
C ILE B 4 -7.07 10.40 12.29
N LEU B 5 -7.40 10.54 11.01
CA LEU B 5 -6.38 10.86 10.00
C LEU B 5 -5.65 12.15 10.34
N HIS B 6 -6.40 13.20 10.75
CA HIS B 6 -5.77 14.46 11.14
C HIS B 6 -4.82 14.25 12.31
N ARG B 7 -5.23 13.43 13.28
CA ARG B 7 -4.39 13.16 14.43
C ARG B 7 -3.11 12.45 14.01
N LEU B 8 -3.24 11.38 13.24
CA LEU B 8 -2.08 10.60 12.80
C LEU B 8 -1.16 11.42 11.90
N LEU B 9 -1.72 12.32 11.11
CA LEU B 9 -0.86 13.16 10.27
C LEU B 9 -0.17 14.26 11.06
N GLN B 10 -0.41 14.31 12.37
CA GLN B 10 0.23 15.23 13.30
C GLN B 10 -0.12 16.66 12.94
C14 A1H72 C . -3.82 -8.52 1.54
C6 A1H72 C . -2.76 -9.08 2.47
C9 A1H72 C . -3.03 -10.52 2.78
C11 A1H72 C . -4.43 -10.69 3.38
C12 A1H72 C . -5.51 -10.07 2.48
C18 A1H72 C . -5.26 -7.76 3.47
C5 A1H72 C . -0.04 -8.00 4.73
C10 A1H72 C . -0.25 -6.55 4.92
C19 A1H72 C . -1.43 -5.97 5.09
C21 A1H72 C . -8.28 -7.57 -0.17
C23 A1H72 C . -9.38 -6.34 2.41
C25 A1H72 C . -11.17 -5.17 3.90
C17 A1H72 C . -6.04 -7.95 1.02
C7 A1H72 C . -1.80 -8.32 3.02
C28 A1H72 C . -0.79 -8.77 3.93
C4 A1H72 C . 1.00 -8.60 5.65
C3 A1H72 C . 2.28 -7.78 5.72
C2 A1H72 C . 1.96 -6.33 6.05
C1 A1H72 C . 1.03 -5.76 4.99
C16 A1H72 C . -5.22 -6.72 0.63
C20 A1H72 C . -7.56 -7.67 1.17
C22 A1H72 C . -7.90 -6.44 2.05
C24 A1H72 C . -9.69 -5.32 3.53
C26 A1H72 C . -11.74 -6.46 4.47
C15 A1H72 C . -3.74 -7.10 0.98
C27 A1H72 C . -11.40 -4.01 4.87
C13 A1H72 C . -5.24 -8.59 2.17
O4 A1H72 C . 1.27 -9.94 5.27
O2 A1H72 C . 2.97 -7.85 4.46
O1 A1H72 C . 0.78 -4.39 5.27
O3 A1H72 C . -11.91 -4.89 2.70
C ACT D . 4.48 -4.00 9.30
O ACT D . 5.17 -3.83 10.35
OXT ACT D . 3.75 -3.16 8.69
CH3 ACT D . 4.48 -5.41 8.68
#